data_4D4E
#
_entry.id   4D4E
#
_cell.length_a   51.810
_cell.length_b   68.670
_cell.length_c   126.840
_cell.angle_alpha   90.00
_cell.angle_beta   90.00
_cell.angle_gamma   90.00
#
_symmetry.space_group_name_H-M   'P 21 21 21'
#
loop_
_entity.id
_entity.type
_entity.pdbx_description
1 polymer 'ARMADILLO REPEAT PROTEIN ARM00016'
2 non-polymer GLYCEROL
3 water water
#
_entity_poly.entity_id   1
_entity_poly.type   'polypeptide(L)'
_entity_poly.pdbx_seq_one_letter_code
;MRGSHHHHHHGSELPQMVQQLNSPDQQELQSALRKLSQIASGGNEQIQKLIEAGALSPLVKLLDDASEEVIKNAVAAIAN
IAAGNNEQIQKLIEAGALSPLVKLLDDASEEVIKNAVAAIANIAAGNNEQIQKLIEAGALSPLVKLLDDASEEVIKNAVA
AIANIAAGNNEQIQKLIEAGALSPLVKLLDDASEEVIKNAVAAIANIAAGNNEMKQKLEEAGALPALEKLQSHANEEVQK
NAQAALEAFNS
;
_entity_poly.pdbx_strand_id   A,B
#
loop_
_chem_comp.id
_chem_comp.type
_chem_comp.name
_chem_comp.formula
GOL non-polymer GLYCEROL 'C3 H8 O3'
#
# COMPACT_ATOMS: atom_id res chain seq x y z
N GLU A 13 17.17 -35.13 6.25
CA GLU A 13 17.12 -34.41 7.56
C GLU A 13 15.80 -33.63 7.87
N LEU A 14 15.61 -32.50 7.18
CA LEU A 14 14.39 -31.70 7.27
C LEU A 14 13.13 -32.48 6.91
N PRO A 15 13.20 -33.39 5.91
CA PRO A 15 11.97 -34.18 5.63
C PRO A 15 11.49 -35.01 6.81
N GLN A 16 12.44 -35.65 7.48
CA GLN A 16 12.21 -36.36 8.69
C GLN A 16 11.56 -35.46 9.75
N MET A 17 12.13 -34.28 9.94
CA MET A 17 11.54 -33.39 10.92
C MET A 17 10.10 -32.98 10.58
N VAL A 18 9.83 -32.70 9.29
CA VAL A 18 8.47 -32.38 8.86
C VAL A 18 7.47 -33.50 9.17
N GLN A 19 7.85 -34.75 8.92
CA GLN A 19 7.04 -35.88 9.28
C GLN A 19 6.67 -35.90 10.77
N GLN A 20 7.62 -35.54 11.63
CA GLN A 20 7.41 -35.55 13.07
C GLN A 20 6.37 -34.55 13.57
N LEU A 21 6.12 -33.48 12.79
CA LEU A 21 4.99 -32.56 13.09
C LEU A 21 3.64 -33.29 13.10
N ASN A 22 3.58 -34.43 12.40
CA ASN A 22 2.35 -35.21 12.24
CA ASN A 22 2.36 -35.22 12.25
C ASN A 22 2.35 -36.42 13.20
N SER A 23 3.39 -36.54 14.03
CA SER A 23 3.54 -37.61 15.03
C SER A 23 2.65 -37.41 16.26
N PRO A 24 1.92 -38.46 16.69
CA PRO A 24 1.09 -38.31 17.90
C PRO A 24 1.93 -38.31 19.18
N ASP A 25 3.18 -38.75 19.12
CA ASP A 25 4.13 -38.62 20.21
C ASP A 25 4.45 -37.16 20.50
N GLN A 26 3.95 -36.67 21.64
CA GLN A 26 4.01 -35.27 22.00
C GLN A 26 5.39 -34.72 22.25
N GLN A 27 6.35 -35.52 22.72
CA GLN A 27 7.70 -34.93 22.92
C GLN A 27 8.51 -34.88 21.62
N GLU A 28 8.24 -35.83 20.74
CA GLU A 28 8.76 -35.83 19.38
C GLU A 28 8.12 -34.69 18.56
N LEU A 29 6.81 -34.47 18.71
CA LEU A 29 6.19 -33.29 18.09
C LEU A 29 6.92 -32.02 18.54
N GLN A 30 6.94 -31.82 19.86
CA GLN A 30 7.57 -30.65 20.50
C GLN A 30 8.99 -30.45 19.98
N SER A 31 9.73 -31.55 19.91
CA SER A 31 11.10 -31.53 19.43
C SER A 31 11.18 -31.08 17.95
N ALA A 32 10.34 -31.69 17.11
CA ALA A 32 10.30 -31.30 15.71
C ALA A 32 9.94 -29.84 15.55
N LEU A 33 8.83 -29.40 16.15
CA LEU A 33 8.51 -27.97 16.12
C LEU A 33 9.63 -27.10 16.65
N ARG A 34 10.33 -27.55 17.71
CA ARG A 34 11.56 -26.92 18.18
C ARG A 34 12.51 -26.59 17.05
N LYS A 35 13.03 -27.61 16.40
CA LYS A 35 14.08 -27.45 15.41
C LYS A 35 13.58 -26.57 14.25
N LEU A 36 12.39 -26.90 13.75
CA LEU A 36 11.78 -26.13 12.68
C LEU A 36 11.68 -24.64 13.08
N SER A 37 11.24 -24.41 14.31
CA SER A 37 11.18 -23.05 14.85
C SER A 37 12.56 -22.39 14.72
N GLN A 38 13.59 -23.12 15.12
CA GLN A 38 14.98 -22.71 15.03
C GLN A 38 15.35 -22.31 13.57
N ILE A 39 15.05 -23.19 12.60
CA ILE A 39 15.38 -22.95 11.21
C ILE A 39 14.64 -21.73 10.69
N ALA A 40 13.34 -21.67 10.92
CA ALA A 40 12.49 -20.52 10.53
C ALA A 40 13.02 -19.15 10.99
N SER A 41 13.79 -19.14 12.10
CA SER A 41 14.41 -17.89 12.59
C SER A 41 15.75 -17.59 11.91
N GLY A 42 16.28 -18.54 11.13
CA GLY A 42 17.40 -18.27 10.21
C GLY A 42 16.88 -17.30 9.17
N GLY A 43 17.67 -16.99 8.17
CA GLY A 43 17.13 -16.10 7.13
C GLY A 43 16.16 -16.74 6.15
N ASN A 44 15.96 -16.07 5.01
CA ASN A 44 15.07 -16.51 3.93
C ASN A 44 15.51 -17.77 3.23
N GLU A 45 16.82 -17.98 3.23
CA GLU A 45 17.37 -19.22 2.73
C GLU A 45 16.87 -20.41 3.53
N GLN A 46 16.99 -20.30 4.85
CA GLN A 46 16.46 -21.29 5.78
C GLN A 46 14.95 -21.49 5.61
N ILE A 47 14.22 -20.39 5.47
CA ILE A 47 12.79 -20.49 5.24
C ILE A 47 12.51 -21.26 3.95
N GLN A 48 13.39 -21.06 2.97
CA GLN A 48 13.17 -21.67 1.66
C GLN A 48 13.33 -23.17 1.73
N LYS A 49 14.30 -23.64 2.50
CA LYS A 49 14.46 -25.06 2.73
C LYS A 49 13.18 -25.67 3.35
N LEU A 50 12.60 -24.93 4.28
CA LEU A 50 11.39 -25.40 4.97
C LEU A 50 10.21 -25.51 4.03
N ILE A 51 10.07 -24.51 3.14
CA ILE A 51 9.07 -24.54 2.11
C ILE A 51 9.25 -25.76 1.18
N GLU A 52 10.49 -25.99 0.77
CA GLU A 52 10.79 -27.05 -0.16
C GLU A 52 10.73 -28.45 0.45
N ALA A 53 10.76 -28.52 1.79
CA ALA A 53 10.60 -29.80 2.45
C ALA A 53 9.12 -30.04 2.81
N GLY A 54 8.23 -29.12 2.40
CA GLY A 54 6.79 -29.29 2.60
C GLY A 54 6.32 -28.98 4.00
N ALA A 55 7.08 -28.16 4.72
CA ALA A 55 6.74 -27.87 6.15
C ALA A 55 5.43 -27.09 6.34
N LEU A 56 5.05 -26.26 5.35
CA LEU A 56 3.95 -25.33 5.52
C LEU A 56 2.55 -25.88 5.81
N SER A 57 2.08 -26.81 5.00
CA SER A 57 0.75 -27.40 5.31
C SER A 57 0.72 -27.99 6.68
N PRO A 58 1.71 -28.83 7.02
CA PRO A 58 1.65 -29.45 8.37
C PRO A 58 1.73 -28.41 9.52
N LEU A 59 2.45 -27.32 9.30
CA LEU A 59 2.48 -26.25 10.28
C LEU A 59 1.13 -25.59 10.46
N VAL A 60 0.45 -25.21 9.37
CA VAL A 60 -0.91 -24.63 9.42
C VAL A 60 -1.89 -25.58 10.13
N LYS A 61 -1.75 -26.89 9.88
CA LYS A 61 -2.64 -27.86 10.46
C LYS A 61 -2.47 -27.97 11.97
N LEU A 62 -1.28 -27.64 12.49
CA LEU A 62 -1.03 -27.58 13.94
C LEU A 62 -1.76 -26.44 14.66
N LEU A 63 -2.33 -25.49 13.91
CA LEU A 63 -3.04 -24.36 14.47
C LEU A 63 -4.38 -24.79 15.00
N ASP A 64 -4.76 -26.03 14.73
CA ASP A 64 -5.96 -26.61 15.35
C ASP A 64 -5.71 -27.62 16.45
N ASP A 65 -4.43 -27.80 16.79
CA ASP A 65 -4.01 -28.77 17.80
C ASP A 65 -4.69 -28.60 19.16
N ALA A 66 -4.82 -29.72 19.90
CA ALA A 66 -5.39 -29.70 21.27
C ALA A 66 -4.49 -28.90 22.27
N SER A 67 -3.17 -28.97 22.15
CA SER A 67 -2.31 -28.23 23.08
C SER A 67 -2.15 -26.76 22.63
N GLU A 68 -2.62 -25.81 23.45
CA GLU A 68 -2.38 -24.38 23.23
CA GLU A 68 -2.32 -24.36 23.45
C GLU A 68 -0.86 -24.06 23.12
N GLU A 69 0.00 -24.79 23.79
CA GLU A 69 1.42 -24.56 23.63
C GLU A 69 1.93 -24.97 22.25
N VAL A 70 1.39 -26.05 21.70
CA VAL A 70 1.79 -26.36 20.28
C VAL A 70 1.27 -25.27 19.35
N ILE A 71 0.02 -24.89 19.53
CA ILE A 71 -0.55 -23.82 18.70
C ILE A 71 0.38 -22.58 18.81
N LYS A 72 0.76 -22.21 20.04
CA LYS A 72 1.57 -21.01 20.24
C LYS A 72 2.89 -21.15 19.46
N ASN A 73 3.55 -22.28 19.60
CA ASN A 73 4.84 -22.46 18.95
C ASN A 73 4.69 -22.62 17.42
N ALA A 74 3.61 -23.27 16.96
CA ALA A 74 3.35 -23.38 15.48
C ALA A 74 3.12 -21.97 14.87
N VAL A 75 2.33 -21.15 15.56
CA VAL A 75 2.05 -19.76 15.13
C VAL A 75 3.36 -18.92 15.13
N ALA A 76 4.25 -19.11 16.13
CA ALA A 76 5.50 -18.35 16.22
C ALA A 76 6.31 -18.64 14.98
N ALA A 77 6.33 -19.92 14.65
CA ALA A 77 7.11 -20.41 13.51
C ALA A 77 6.57 -19.76 12.18
N ILE A 78 5.24 -19.88 11.94
CA ILE A 78 4.52 -19.19 10.85
C ILE A 78 4.82 -17.66 10.92
N ALA A 79 4.83 -17.03 12.11
CA ALA A 79 5.21 -15.63 12.10
C ALA A 79 6.60 -15.41 11.49
N ASN A 80 7.52 -16.33 11.77
CA ASN A 80 8.89 -16.22 11.31
C ASN A 80 9.00 -16.49 9.81
N ILE A 81 8.24 -17.47 9.29
CA ILE A 81 8.16 -17.73 7.81
C ILE A 81 7.63 -16.47 7.07
N ALA A 82 6.62 -15.84 7.65
CA ALA A 82 5.97 -14.68 7.07
C ALA A 82 6.83 -13.41 7.08
N ALA A 83 7.96 -13.43 7.80
CA ALA A 83 8.97 -12.33 7.75
C ALA A 83 9.90 -12.55 6.54
N GLY A 84 9.55 -13.50 5.65
CA GLY A 84 10.38 -13.80 4.48
C GLY A 84 9.95 -12.93 3.35
N ASN A 85 10.44 -13.24 2.17
CA ASN A 85 10.15 -12.39 1.02
C ASN A 85 8.71 -12.66 0.62
N ASN A 86 8.24 -11.95 -0.43
CA ASN A 86 6.84 -11.95 -0.83
C ASN A 86 6.44 -13.26 -1.49
N GLU A 87 7.37 -13.95 -2.13
CA GLU A 87 7.16 -15.34 -2.60
C GLU A 87 6.83 -16.33 -1.44
N GLN A 88 7.47 -16.12 -0.30
CA GLN A 88 7.30 -17.01 0.84
C GLN A 88 6.06 -16.65 1.61
N ILE A 89 5.71 -15.37 1.70
CA ILE A 89 4.42 -15.04 2.24
C ILE A 89 3.33 -15.68 1.33
N GLN A 90 3.53 -15.62 0.03
CA GLN A 90 2.60 -16.24 -0.90
C GLN A 90 2.33 -17.74 -0.64
N LYS A 91 3.40 -18.46 -0.47
CA LYS A 91 3.33 -19.85 -0.05
C LYS A 91 2.52 -20.09 1.21
N LEU A 92 2.63 -19.24 2.25
CA LEU A 92 1.76 -19.37 3.43
C LEU A 92 0.29 -19.19 3.14
N ILE A 93 -0.02 -18.20 2.31
CA ILE A 93 -1.41 -17.92 1.93
C ILE A 93 -1.92 -19.17 1.20
N GLU A 94 -1.12 -19.66 0.25
CA GLU A 94 -1.53 -20.86 -0.48
C GLU A 94 -1.59 -22.10 0.39
N ALA A 95 -0.96 -22.12 1.58
CA ALA A 95 -1.13 -23.24 2.51
C ALA A 95 -2.39 -23.09 3.35
N GLY A 96 -3.21 -22.07 3.11
CA GLY A 96 -4.38 -21.83 4.00
C GLY A 96 -4.12 -21.25 5.38
N ALA A 97 -2.99 -20.58 5.62
CA ALA A 97 -2.67 -20.01 6.93
C ALA A 97 -3.66 -18.92 7.44
N LEU A 98 -4.26 -18.20 6.51
CA LEU A 98 -4.87 -16.95 6.90
C LEU A 98 -6.13 -17.11 7.72
N SER A 99 -7.08 -17.92 7.27
CA SER A 99 -8.26 -18.15 8.10
C SER A 99 -7.98 -18.71 9.53
N PRO A 100 -7.13 -19.73 9.64
CA PRO A 100 -6.83 -20.15 11.04
C PRO A 100 -6.12 -19.07 11.82
N LEU A 101 -5.28 -18.23 11.17
CA LEU A 101 -4.60 -17.18 11.97
C LEU A 101 -5.65 -16.23 12.53
N VAL A 102 -6.64 -15.89 11.71
CA VAL A 102 -7.72 -14.95 12.13
C VAL A 102 -8.59 -15.55 13.23
N LYS A 103 -8.91 -16.84 13.11
CA LYS A 103 -9.66 -17.56 14.14
C LYS A 103 -8.92 -17.42 15.50
N LEU A 104 -7.58 -17.37 15.46
CA LEU A 104 -6.80 -17.43 16.72
C LEU A 104 -6.85 -16.10 17.47
N LEU A 105 -7.32 -15.05 16.79
CA LEU A 105 -7.39 -13.76 17.40
C LEU A 105 -8.37 -13.71 18.57
N ASP A 106 -9.30 -14.65 18.65
CA ASP A 106 -10.04 -14.77 19.90
C ASP A 106 -9.74 -16.11 20.60
N ASP A 107 -8.51 -16.60 20.44
CA ASP A 107 -8.06 -17.78 21.18
C ASP A 107 -8.18 -17.50 22.69
N ALA A 108 -8.46 -18.54 23.49
CA ALA A 108 -8.50 -18.33 24.94
C ALA A 108 -7.11 -17.92 25.51
N SER A 109 -5.99 -18.11 24.77
CA SER A 109 -4.66 -17.79 25.31
C SER A 109 -4.09 -16.50 24.75
N GLU A 110 -3.88 -15.51 25.65
CA GLU A 110 -3.25 -14.25 25.24
C GLU A 110 -1.91 -14.38 24.56
N GLU A 111 -1.13 -15.38 24.96
CA GLU A 111 0.13 -15.67 24.32
C GLU A 111 -0.09 -16.17 22.87
N VAL A 112 -1.16 -16.96 22.61
CA VAL A 112 -1.46 -17.41 21.24
C VAL A 112 -1.89 -16.22 20.36
N ILE A 113 -2.73 -15.33 20.91
CA ILE A 113 -3.22 -14.15 20.20
C ILE A 113 -2.05 -13.23 19.89
N LYS A 114 -1.14 -13.05 20.87
CA LYS A 114 0.01 -12.20 20.64
C LYS A 114 0.76 -12.66 19.39
N ASN A 115 1.10 -13.93 19.36
CA ASN A 115 1.81 -14.54 18.24
C ASN A 115 1.02 -14.58 16.90
N ALA A 116 -0.30 -14.74 16.99
CA ALA A 116 -1.11 -14.77 15.77
C ALA A 116 -1.18 -13.36 15.19
N VAL A 117 -1.31 -12.36 16.06
CA VAL A 117 -1.18 -10.98 15.62
C VAL A 117 0.19 -10.68 15.00
N ALA A 118 1.28 -11.14 15.62
CA ALA A 118 2.61 -10.96 14.97
C ALA A 118 2.65 -11.59 13.54
N ALA A 119 2.10 -12.80 13.39
CA ALA A 119 2.11 -13.45 12.08
C ALA A 119 1.37 -12.63 11.04
N ILE A 120 0.18 -12.13 11.39
CA ILE A 120 -0.64 -11.31 10.49
C ILE A 120 -0.05 -9.92 10.17
N ALA A 121 0.66 -9.35 11.14
CA ALA A 121 1.49 -8.14 10.90
C ALA A 121 2.54 -8.41 9.84
N ASN A 122 3.21 -9.56 9.95
CA ASN A 122 4.24 -9.90 8.97
C ASN A 122 3.69 -10.11 7.58
N ILE A 123 2.60 -10.86 7.53
CA ILE A 123 1.91 -11.05 6.27
C ILE A 123 1.47 -9.72 5.67
N ALA A 124 0.89 -8.83 6.51
CA ALA A 124 0.49 -7.52 6.01
C ALA A 124 1.64 -6.67 5.53
N ALA A 125 2.88 -7.02 5.91
CA ALA A 125 4.05 -6.29 5.44
C ALA A 125 4.39 -6.79 4.02
N GLY A 126 3.60 -7.74 3.51
CA GLY A 126 3.79 -8.20 2.11
C GLY A 126 3.28 -7.19 1.06
N ASN A 127 2.77 -7.69 -0.06
CA ASN A 127 2.33 -6.80 -1.11
C ASN A 127 0.86 -6.53 -0.98
N ASN A 128 0.31 -5.65 -1.83
CA ASN A 128 -1.12 -5.28 -1.80
C ASN A 128 -2.07 -6.44 -1.97
N GLU A 129 -1.66 -7.48 -2.70
CA GLU A 129 -2.48 -8.63 -2.91
C GLU A 129 -2.48 -9.53 -1.65
N GLN A 130 -1.40 -9.46 -0.89
CA GLN A 130 -1.34 -10.19 0.38
C GLN A 130 -2.13 -9.48 1.46
N ILE A 131 -2.01 -8.14 1.57
CA ILE A 131 -2.95 -7.35 2.38
C ILE A 131 -4.45 -7.70 2.06
N GLN A 132 -4.75 -7.74 0.77
CA GLN A 132 -6.10 -8.06 0.29
C GLN A 132 -6.64 -9.40 0.80
N LYS A 133 -5.81 -10.46 0.70
CA LYS A 133 -6.14 -11.79 1.19
C LYS A 133 -6.43 -11.76 2.67
N LEU A 134 -5.65 -11.01 3.43
CA LEU A 134 -5.97 -10.76 4.85
C LEU A 134 -7.32 -10.12 5.13
N ILE A 135 -7.64 -9.11 4.31
CA ILE A 135 -8.90 -8.46 4.41
C ILE A 135 -10.01 -9.48 4.12
N GLU A 136 -9.83 -10.30 3.08
CA GLU A 136 -10.92 -11.24 2.63
C GLU A 136 -11.06 -12.34 3.67
N ALA A 137 -10.02 -12.51 4.46
CA ALA A 137 -10.03 -13.60 5.46
C ALA A 137 -10.66 -13.05 6.70
N GLY A 138 -11.21 -11.83 6.65
CA GLY A 138 -11.85 -11.17 7.81
C GLY A 138 -10.93 -10.54 8.90
N ALA A 139 -9.66 -10.25 8.58
CA ALA A 139 -8.70 -9.81 9.64
C ALA A 139 -9.02 -8.47 10.26
N LEU A 140 -9.75 -7.58 9.56
CA LEU A 140 -9.81 -6.17 9.98
C LEU A 140 -10.58 -5.92 11.25
N SER A 141 -11.81 -6.44 11.32
CA SER A 141 -12.58 -6.23 12.53
C SER A 141 -11.92 -6.76 13.86
N PRO A 142 -11.38 -8.01 13.85
CA PRO A 142 -10.82 -8.49 15.10
C PRO A 142 -9.55 -7.73 15.45
N LEU A 143 -8.79 -7.31 14.43
CA LEU A 143 -7.58 -6.50 14.65
C LEU A 143 -7.95 -5.18 15.29
N VAL A 144 -9.03 -4.55 14.79
CA VAL A 144 -9.45 -3.26 15.35
C VAL A 144 -9.79 -3.44 16.85
N LYS A 145 -10.47 -4.55 17.15
CA LYS A 145 -10.80 -4.94 18.51
C LYS A 145 -9.56 -5.14 19.38
N LEU A 146 -8.48 -5.71 18.84
CA LEU A 146 -7.32 -5.92 19.64
C LEU A 146 -6.56 -4.63 19.91
N LEU A 147 -6.84 -3.57 19.14
CA LEU A 147 -6.28 -2.24 19.44
C LEU A 147 -6.66 -1.70 20.80
N ASP A 148 -7.74 -2.24 21.34
CA ASP A 148 -8.14 -1.88 22.69
C ASP A 148 -8.19 -3.10 23.59
N ASP A 149 -7.03 -3.58 24.02
CA ASP A 149 -6.97 -4.91 24.64
C ASP A 149 -5.98 -5.04 25.77
N ALA A 150 -6.44 -5.69 26.84
CA ALA A 150 -5.73 -5.79 28.12
C ALA A 150 -4.19 -5.90 28.03
N SER A 151 -3.63 -6.35 26.90
CA SER A 151 -2.20 -6.62 26.87
C SER A 151 -1.43 -5.71 25.95
N GLU A 152 -0.41 -5.01 26.47
CA GLU A 152 0.43 -4.10 25.68
C GLU A 152 1.03 -4.87 24.50
N GLU A 153 1.62 -6.02 24.77
CA GLU A 153 2.25 -6.79 23.71
C GLU A 153 1.25 -7.14 22.57
N VAL A 154 -0.04 -7.39 22.90
CA VAL A 154 -1.05 -7.63 21.87
C VAL A 154 -1.33 -6.32 21.11
N ILE A 155 -1.60 -5.23 21.84
CA ILE A 155 -1.75 -3.90 21.24
C ILE A 155 -0.59 -3.52 20.37
N LYS A 156 0.63 -3.65 20.85
CA LYS A 156 1.81 -3.38 20.05
C LYS A 156 1.76 -4.09 18.65
N ASN A 157 1.57 -5.42 18.64
CA ASN A 157 1.56 -6.19 17.39
C ASN A 157 0.32 -5.79 16.51
N ALA A 158 -0.83 -5.51 17.18
CA ALA A 158 -2.07 -5.15 16.50
C ALA A 158 -1.93 -3.85 15.77
N VAL A 159 -1.28 -2.82 16.38
CA VAL A 159 -1.11 -1.56 15.66
CA VAL A 159 -1.12 -1.58 15.68
C VAL A 159 -0.13 -1.72 14.54
N ALA A 160 0.87 -2.56 14.75
CA ALA A 160 1.88 -2.83 13.69
C ALA A 160 1.17 -3.47 12.47
N ALA A 161 0.18 -4.33 12.75
CA ALA A 161 -0.60 -4.94 11.63
C ALA A 161 -1.46 -3.88 10.94
N ILE A 162 -2.13 -3.03 11.73
CA ILE A 162 -2.99 -2.00 11.17
C ILE A 162 -2.15 -0.99 10.36
N ALA A 163 -1.02 -0.54 10.92
CA ALA A 163 -0.06 0.30 10.18
C ALA A 163 0.31 -0.33 8.81
N ASN A 164 0.69 -1.61 8.84
CA ASN A 164 1.08 -2.34 7.61
C ASN A 164 -0.07 -2.39 6.58
N ILE A 165 -1.28 -2.65 7.05
CA ILE A 165 -2.42 -2.58 6.16
C ILE A 165 -2.65 -1.14 5.58
N ALA A 166 -2.52 -0.11 6.44
CA ALA A 166 -2.66 1.28 6.06
C ALA A 166 -1.68 1.71 4.92
N ALA A 167 -0.58 0.93 4.74
CA ALA A 167 0.36 1.14 3.62
C ALA A 167 -0.18 0.55 2.30
N GLY A 168 -1.37 -0.04 2.30
CA GLY A 168 -1.88 -0.63 1.06
C GLY A 168 -2.54 0.42 0.16
N ASN A 169 -3.50 -0.05 -0.64
CA ASN A 169 -4.04 0.73 -1.76
C ASN A 169 -5.25 1.49 -1.27
N ASN A 170 -5.81 2.37 -2.06
CA ASN A 170 -6.85 3.22 -1.48
C ASN A 170 -8.14 2.45 -1.21
N GLU A 171 -8.36 1.36 -1.94
CA GLU A 171 -9.46 0.46 -1.59
C GLU A 171 -9.28 -0.06 -0.11
N GLN A 172 -8.06 -0.49 0.22
CA GLN A 172 -7.80 -1.18 1.51
C GLN A 172 -7.88 -0.21 2.65
N ILE A 173 -7.45 1.02 2.36
CA ILE A 173 -7.53 2.09 3.32
C ILE A 173 -9.00 2.39 3.64
N GLN A 174 -9.87 2.40 2.62
CA GLN A 174 -11.27 2.67 2.93
C GLN A 174 -11.88 1.54 3.84
N LYS A 175 -11.56 0.30 3.53
CA LYS A 175 -11.88 -0.84 4.39
C LYS A 175 -11.40 -0.66 5.83
N LEU A 176 -10.18 -0.14 6.05
CA LEU A 176 -9.70 0.09 7.44
C LEU A 176 -10.62 1.03 8.20
N ILE A 177 -10.93 2.11 7.53
CA ILE A 177 -11.77 3.13 8.04
C ILE A 177 -13.14 2.59 8.34
N GLU A 178 -13.78 1.88 7.39
CA GLU A 178 -15.09 1.24 7.61
C GLU A 178 -15.06 0.21 8.72
N ALA A 179 -13.91 -0.44 8.96
CA ALA A 179 -13.76 -1.34 10.11
C ALA A 179 -13.65 -0.57 11.42
N GLY A 180 -13.77 0.75 11.39
CA GLY A 180 -13.62 1.62 12.60
C GLY A 180 -12.20 1.77 13.19
N ALA A 181 -11.19 1.80 12.32
CA ALA A 181 -9.79 1.84 12.80
C ALA A 181 -9.35 3.20 13.35
N LEU A 182 -9.97 4.29 12.87
CA LEU A 182 -9.46 5.63 13.15
C LEU A 182 -9.49 6.09 14.62
N SER A 183 -10.60 5.99 15.33
CA SER A 183 -10.63 6.47 16.72
CA SER A 183 -10.63 6.45 16.73
C SER A 183 -9.74 5.62 17.66
N PRO A 184 -9.73 4.27 17.47
CA PRO A 184 -8.75 3.53 18.24
C PRO A 184 -7.29 3.90 17.92
N LEU A 185 -7.01 4.28 16.68
CA LEU A 185 -5.64 4.65 16.30
C LEU A 185 -5.26 6.00 16.93
N VAL A 186 -6.24 6.91 17.03
CA VAL A 186 -6.04 8.25 17.60
C VAL A 186 -5.81 8.18 19.13
N LYS A 187 -6.55 7.29 19.78
CA LYS A 187 -6.36 6.93 21.18
C LYS A 187 -4.91 6.37 21.48
N LEU A 188 -4.42 5.46 20.63
CA LEU A 188 -3.11 4.87 20.73
CA LEU A 188 -3.11 4.87 20.77
C LEU A 188 -1.97 5.88 20.58
N LEU A 189 -2.29 7.10 20.03
CA LEU A 189 -1.30 8.24 20.00
C LEU A 189 -1.03 8.73 21.44
N ASP A 190 -1.85 8.31 22.38
CA ASP A 190 -1.56 8.67 23.81
C ASP A 190 -1.15 7.45 24.62
N ASP A 191 -0.84 6.34 23.96
CA ASP A 191 -0.50 5.14 24.71
C ASP A 191 0.77 5.38 25.57
N ALA A 192 0.86 4.66 26.71
CA ALA A 192 2.06 4.57 27.53
C ALA A 192 3.29 4.07 26.75
N SER A 193 3.10 3.17 25.80
CA SER A 193 4.22 2.64 25.06
C SER A 193 4.69 3.48 23.85
N GLU A 194 6.00 3.80 23.78
CA GLU A 194 6.61 4.50 22.63
C GLU A 194 6.53 3.67 21.31
N GLU A 195 6.62 2.37 21.43
CA GLU A 195 6.55 1.47 20.30
C GLU A 195 5.16 1.55 19.72
N VAL A 196 4.16 1.54 20.61
CA VAL A 196 2.78 1.67 20.23
C VAL A 196 2.51 3.01 19.54
N ILE A 197 2.85 4.13 20.20
CA ILE A 197 2.77 5.43 19.58
C ILE A 197 3.37 5.51 18.17
N LYS A 198 4.60 5.03 17.98
CA LYS A 198 5.22 5.18 16.64
C LYS A 198 4.44 4.38 15.55
N ASN A 199 3.88 3.23 15.90
CA ASN A 199 3.11 2.46 14.87
C ASN A 199 1.75 3.18 14.59
N ALA A 200 1.08 3.71 15.65
CA ALA A 200 -0.13 4.51 15.48
C ALA A 200 0.12 5.74 14.59
N VAL A 201 1.27 6.40 14.81
CA VAL A 201 1.61 7.55 14.03
C VAL A 201 1.85 7.10 12.59
N ALA A 202 2.53 6.01 12.40
CA ALA A 202 2.80 5.52 11.02
C ALA A 202 1.48 5.25 10.27
N ALA A 203 0.56 4.56 10.93
CA ALA A 203 -0.73 4.20 10.34
C ALA A 203 -1.43 5.46 9.84
N ILE A 204 -1.51 6.45 10.71
CA ILE A 204 -2.15 7.69 10.50
C ILE A 204 -1.45 8.51 9.41
N ALA A 205 -0.14 8.56 9.42
CA ALA A 205 0.59 9.15 8.27
C ALA A 205 0.26 8.47 6.89
N ASN A 206 0.13 7.14 6.88
CA ASN A 206 -0.29 6.42 5.64
C ASN A 206 -1.68 6.80 5.11
N ILE A 207 -2.64 6.89 6.03
CA ILE A 207 -4.02 7.24 5.75
C ILE A 207 -4.14 8.69 5.28
N ALA A 208 -3.34 9.56 5.91
CA ALA A 208 -3.31 10.97 5.57
C ALA A 208 -2.82 11.25 4.12
N ALA A 209 -1.88 10.45 3.63
CA ALA A 209 -1.46 10.44 2.22
C ALA A 209 -2.60 10.18 1.15
N GLY A 210 -3.67 9.51 1.56
CA GLY A 210 -4.83 9.20 0.69
C GLY A 210 -5.65 10.44 0.45
N ASN A 211 -6.93 10.26 0.12
CA ASN A 211 -7.82 11.34 -0.35
C ASN A 211 -8.27 12.26 0.78
N ASN A 212 -9.23 13.14 0.50
CA ASN A 212 -9.58 14.23 1.41
C ASN A 212 -10.76 13.88 2.27
N GLU A 213 -11.55 12.96 1.75
CA GLU A 213 -12.40 12.14 2.57
C GLU A 213 -11.56 11.53 3.69
N MET A 214 -10.41 10.98 3.36
CA MET A 214 -9.62 10.26 4.40
C MET A 214 -8.94 11.22 5.37
N LYS A 215 -8.37 12.30 4.83
CA LYS A 215 -7.85 13.39 5.67
C LYS A 215 -8.96 13.93 6.59
N GLN A 216 -10.19 14.04 6.08
CA GLN A 216 -11.29 14.63 6.85
C GLN A 216 -11.75 13.69 7.92
N LYS A 217 -11.78 12.41 7.59
CA LYS A 217 -12.09 11.36 8.59
C LYS A 217 -11.08 11.37 9.79
N LEU A 218 -9.79 11.54 9.46
CA LEU A 218 -8.73 11.69 10.52
C LEU A 218 -8.94 12.92 11.47
N GLU A 219 -9.18 14.10 10.87
CA GLU A 219 -9.50 15.32 11.65
C GLU A 219 -10.70 15.08 12.52
N GLU A 220 -11.70 14.48 11.92
CA GLU A 220 -12.87 14.01 12.67
C GLU A 220 -12.57 13.12 13.81
N ALA A 221 -11.64 12.18 13.66
CA ALA A 221 -11.33 11.22 14.73
C ALA A 221 -10.58 11.92 15.85
N GLY A 222 -10.05 13.11 15.59
CA GLY A 222 -9.29 13.85 16.62
C GLY A 222 -7.80 13.69 16.44
N ALA A 223 -7.34 13.29 15.25
CA ALA A 223 -5.92 13.07 15.04
C ALA A 223 -5.05 14.30 15.25
N LEU A 224 -5.52 15.48 14.83
CA LEU A 224 -4.68 16.67 14.84
C LEU A 224 -4.12 17.11 16.21
N PRO A 225 -4.97 17.20 17.26
CA PRO A 225 -4.45 17.59 18.56
C PRO A 225 -3.59 16.53 19.19
N ALA A 226 -3.85 15.26 18.81
CA ALA A 226 -3.17 14.12 19.38
C ALA A 226 -1.79 14.05 18.77
N LEU A 227 -1.69 14.45 17.50
CA LEU A 227 -0.38 14.54 16.85
C LEU A 227 0.42 15.73 17.37
N GLU A 228 -0.23 16.88 17.51
CA GLU A 228 0.40 18.05 18.10
C GLU A 228 0.94 17.83 19.53
N LYS A 229 0.17 17.16 20.39
CA LYS A 229 0.67 16.73 21.74
C LYS A 229 2.02 15.99 21.70
N LEU A 230 2.21 15.09 20.71
CA LEU A 230 3.44 14.30 20.54
C LEU A 230 4.60 15.14 20.13
N GLN A 231 4.33 16.35 19.65
CA GLN A 231 5.47 17.22 19.40
C GLN A 231 6.23 17.55 20.66
N SER A 232 5.67 17.26 21.84
CA SER A 232 6.45 17.42 23.07
C SER A 232 6.66 16.11 23.90
N HIS A 233 6.45 14.98 23.23
CA HIS A 233 6.71 13.71 23.84
C HIS A 233 8.20 13.64 24.17
N ALA A 234 8.57 12.92 25.24
CA ALA A 234 10.00 12.81 25.65
C ALA A 234 10.97 12.35 24.58
N ASN A 235 10.51 11.44 23.71
CA ASN A 235 11.37 10.87 22.69
C ASN A 235 11.38 11.72 21.42
N GLU A 236 12.58 12.05 20.92
CA GLU A 236 12.59 12.96 19.75
C GLU A 236 12.19 12.27 18.44
N GLU A 237 12.41 10.98 18.36
CA GLU A 237 12.00 10.21 17.18
C GLU A 237 10.47 10.29 17.04
N VAL A 238 9.75 10.03 18.12
CA VAL A 238 8.29 10.23 18.20
C VAL A 238 7.87 11.64 17.76
N GLN A 239 8.50 12.71 18.32
CA GLN A 239 8.16 14.09 17.90
C GLN A 239 8.27 14.24 16.39
N LYS A 240 9.34 13.68 15.84
CA LYS A 240 9.69 13.85 14.45
C LYS A 240 8.71 13.12 13.54
N ASN A 241 8.42 11.86 13.89
CA ASN A 241 7.40 11.09 13.19
C ASN A 241 6.05 11.78 13.20
N ALA A 242 5.72 12.42 14.33
CA ALA A 242 4.42 13.08 14.55
C ALA A 242 4.33 14.30 13.70
N GLN A 243 5.45 14.97 13.56
CA GLN A 243 5.47 16.14 12.73
C GLN A 243 5.37 15.77 11.25
N ALA A 244 6.10 14.74 10.85
CA ALA A 244 6.01 14.22 9.49
C ALA A 244 4.56 13.75 9.18
N ALA A 245 3.84 13.24 10.18
CA ALA A 245 2.40 12.91 10.00
C ALA A 245 1.52 14.13 9.81
N LEU A 246 1.81 15.18 10.58
CA LEU A 246 1.07 16.42 10.46
C LEU A 246 1.35 17.01 9.06
N GLU A 247 2.57 16.80 8.57
CA GLU A 247 2.91 17.32 7.24
C GLU A 247 2.30 16.55 6.08
N ALA A 248 2.04 15.25 6.26
CA ALA A 248 1.21 14.47 5.31
C ALA A 248 -0.19 15.04 5.10
N PHE A 249 -0.78 15.68 6.11
CA PHE A 249 -2.05 16.37 5.89
C PHE A 249 -1.93 17.55 4.96
N ASN A 250 -0.69 17.86 4.55
CA ASN A 250 -0.23 19.22 4.18
C ASN A 250 -0.94 20.39 4.87
N SER A 251 -0.95 20.50 6.11
N GLU B 13 -29.14 22.70 -12.13
CA GLU B 13 -27.69 22.98 -12.27
C GLU B 13 -26.93 21.91 -13.05
N LEU B 14 -26.54 20.82 -12.39
CA LEU B 14 -25.71 19.76 -13.02
C LEU B 14 -26.20 19.18 -14.34
N PRO B 15 -27.49 18.76 -14.44
CA PRO B 15 -27.93 18.13 -15.68
C PRO B 15 -27.79 19.03 -16.92
N GLN B 16 -28.12 20.33 -16.78
CA GLN B 16 -27.89 21.38 -17.82
C GLN B 16 -26.41 21.45 -18.25
N MET B 17 -25.54 21.50 -17.26
CA MET B 17 -24.11 21.64 -17.51
C MET B 17 -23.59 20.46 -18.33
N VAL B 18 -24.02 19.26 -17.95
CA VAL B 18 -23.68 18.04 -18.70
C VAL B 18 -24.20 18.05 -20.18
N GLN B 19 -25.45 18.48 -20.37
CA GLN B 19 -26.01 18.71 -21.72
C GLN B 19 -25.15 19.65 -22.52
N GLN B 20 -24.78 20.78 -21.92
CA GLN B 20 -23.96 21.78 -22.59
C GLN B 20 -22.61 21.28 -23.03
N LEU B 21 -22.16 20.13 -22.48
CA LEU B 21 -21.00 19.38 -22.99
C LEU B 21 -21.07 18.94 -24.46
N ASN B 22 -22.23 18.84 -25.08
CA ASN B 22 -22.24 18.77 -26.56
C ASN B 22 -22.73 20.02 -27.29
N SER B 23 -22.76 21.17 -26.61
CA SER B 23 -23.03 22.42 -27.27
C SER B 23 -22.05 22.55 -28.45
N PRO B 24 -22.53 22.93 -29.63
CA PRO B 24 -21.56 23.08 -30.73
C PRO B 24 -20.71 24.35 -30.55
N ASP B 25 -21.19 25.24 -29.66
CA ASP B 25 -20.59 26.51 -29.30
C ASP B 25 -19.46 26.41 -28.25
N GLN B 26 -18.26 26.85 -28.64
CA GLN B 26 -17.04 26.78 -27.80
C GLN B 26 -17.12 27.50 -26.43
N GLN B 27 -17.76 28.67 -26.39
CA GLN B 27 -17.89 29.46 -25.16
C GLN B 27 -18.69 28.66 -24.16
N GLU B 28 -19.74 28.02 -24.69
CA GLU B 28 -20.74 27.33 -23.94
C GLU B 28 -20.18 25.99 -23.46
N LEU B 29 -19.49 25.29 -24.35
CA LEU B 29 -18.83 24.05 -24.02
C LEU B 29 -17.83 24.31 -22.93
N GLN B 30 -16.96 25.31 -23.15
CA GLN B 30 -15.93 25.71 -22.19
C GLN B 30 -16.46 26.17 -20.83
N SER B 31 -17.46 27.03 -20.84
CA SER B 31 -18.16 27.34 -19.59
C SER B 31 -18.59 26.11 -18.71
N ALA B 32 -19.32 25.17 -19.32
CA ALA B 32 -19.67 23.96 -18.64
C ALA B 32 -18.49 23.16 -18.11
N LEU B 33 -17.41 22.99 -18.88
CA LEU B 33 -16.23 22.26 -18.46
C LEU B 33 -15.54 22.83 -17.22
N ARG B 34 -15.47 24.17 -17.16
CA ARG B 34 -14.76 24.85 -16.07
C ARG B 34 -15.56 24.69 -14.80
N LYS B 35 -16.87 24.91 -14.89
CA LYS B 35 -17.75 24.73 -13.76
C LYS B 35 -17.80 23.28 -13.30
N LEU B 36 -17.87 22.34 -14.24
CA LEU B 36 -17.82 20.93 -13.89
C LEU B 36 -16.52 20.58 -13.18
N SER B 37 -15.38 21.07 -13.67
CA SER B 37 -14.11 20.78 -13.04
C SER B 37 -14.03 21.33 -11.60
N GLN B 38 -14.57 22.52 -11.42
CA GLN B 38 -14.56 23.21 -10.18
C GLN B 38 -15.41 22.44 -9.20
N ILE B 39 -16.63 22.07 -9.60
CA ILE B 39 -17.47 21.22 -8.75
C ILE B 39 -16.73 19.95 -8.32
N ALA B 40 -16.08 19.25 -9.29
CA ALA B 40 -15.31 18.00 -8.98
C ALA B 40 -14.18 18.24 -7.96
N SER B 41 -13.54 19.40 -8.01
CA SER B 41 -12.50 19.75 -7.05
C SER B 41 -12.99 19.89 -5.56
N GLY B 42 -14.30 19.82 -5.35
CA GLY B 42 -14.94 19.97 -4.04
C GLY B 42 -14.85 18.70 -3.17
N GLY B 43 -14.59 17.55 -3.74
CA GLY B 43 -14.51 16.32 -2.93
C GLY B 43 -15.46 15.23 -3.42
N ASN B 44 -15.54 14.13 -2.65
CA ASN B 44 -16.14 12.89 -3.10
C ASN B 44 -17.69 13.02 -3.29
N GLU B 45 -18.37 13.83 -2.47
CA GLU B 45 -19.80 13.96 -2.69
C GLU B 45 -20.16 14.73 -3.95
N GLN B 46 -19.35 15.73 -4.27
CA GLN B 46 -19.46 16.51 -5.51
CA GLN B 46 -19.59 16.47 -5.52
C GLN B 46 -19.27 15.62 -6.73
N ILE B 47 -18.22 14.83 -6.66
CA ILE B 47 -17.83 13.91 -7.75
C ILE B 47 -18.96 12.94 -7.96
N GLN B 48 -19.51 12.41 -6.87
CA GLN B 48 -20.67 11.52 -7.00
C GLN B 48 -21.84 12.23 -7.71
N LYS B 49 -22.04 13.51 -7.47
CA LYS B 49 -23.12 14.23 -8.18
C LYS B 49 -22.85 14.26 -9.65
N LEU B 50 -21.60 14.51 -10.04
CA LEU B 50 -21.25 14.52 -11.45
C LEU B 50 -21.42 13.18 -12.15
N ILE B 51 -21.03 12.09 -11.50
CA ILE B 51 -21.16 10.75 -12.08
C ILE B 51 -22.68 10.43 -12.27
N GLU B 52 -23.49 10.74 -11.25
CA GLU B 52 -24.90 10.48 -11.29
C GLU B 52 -25.61 11.32 -12.33
N ALA B 53 -25.07 12.50 -12.59
CA ALA B 53 -25.67 13.41 -13.62
C ALA B 53 -25.29 13.00 -15.04
N GLY B 54 -24.44 11.98 -15.20
CA GLY B 54 -23.99 11.47 -16.52
C GLY B 54 -22.74 12.15 -17.13
N ALA B 55 -21.94 12.85 -16.32
CA ALA B 55 -20.86 13.70 -16.82
C ALA B 55 -19.74 12.88 -17.40
N LEU B 56 -19.59 11.62 -16.96
CA LEU B 56 -18.31 10.92 -17.28
C LEU B 56 -18.06 10.57 -18.77
N SER B 57 -19.03 9.97 -19.42
CA SER B 57 -18.92 9.66 -20.83
C SER B 57 -18.66 10.91 -21.69
N PRO B 58 -19.46 11.99 -21.50
CA PRO B 58 -19.06 13.12 -22.35
C PRO B 58 -17.69 13.77 -21.96
N LEU B 59 -17.27 13.75 -20.69
CA LEU B 59 -15.97 14.23 -20.32
C LEU B 59 -14.90 13.40 -20.99
N VAL B 60 -15.07 12.08 -20.98
CA VAL B 60 -14.13 11.18 -21.57
C VAL B 60 -13.98 11.45 -23.08
N LYS B 61 -15.09 11.56 -23.80
CA LYS B 61 -15.05 11.97 -25.22
C LYS B 61 -14.23 13.25 -25.50
N LEU B 62 -14.37 14.27 -24.64
CA LEU B 62 -13.71 15.58 -24.79
C LEU B 62 -12.17 15.57 -24.57
N LEU B 63 -11.67 14.46 -24.02
CA LEU B 63 -10.25 14.19 -23.93
C LEU B 63 -9.61 14.01 -25.27
N ASP B 64 -10.42 13.82 -26.31
CA ASP B 64 -9.89 13.76 -27.66
C ASP B 64 -10.51 14.82 -28.58
N ASP B 65 -11.02 15.91 -28.00
CA ASP B 65 -11.56 17.03 -28.79
C ASP B 65 -10.47 17.63 -29.73
N ALA B 66 -10.91 18.28 -30.81
CA ALA B 66 -9.98 18.88 -31.76
C ALA B 66 -9.30 20.14 -31.14
N SER B 67 -9.92 20.74 -30.12
CA SER B 67 -9.41 21.92 -29.42
C SER B 67 -8.52 21.50 -28.23
N GLU B 68 -7.24 21.87 -28.24
CA GLU B 68 -6.33 21.70 -27.09
C GLU B 68 -6.87 22.41 -25.85
N GLU B 69 -7.53 23.54 -26.08
CA GLU B 69 -8.12 24.27 -24.97
C GLU B 69 -9.25 23.50 -24.32
N VAL B 70 -10.06 22.81 -25.10
CA VAL B 70 -11.12 21.95 -24.54
C VAL B 70 -10.46 20.80 -23.75
N ILE B 71 -9.46 20.16 -24.38
CA ILE B 71 -8.69 19.05 -23.78
C ILE B 71 -8.16 19.47 -22.40
N LYS B 72 -7.45 20.62 -22.30
CA LYS B 72 -7.02 21.13 -20.97
C LYS B 72 -8.10 21.11 -19.89
N ASN B 73 -9.26 21.65 -20.22
CA ASN B 73 -10.37 21.69 -19.27
C ASN B 73 -10.98 20.31 -18.95
N ALA B 74 -11.12 19.47 -19.97
CA ALA B 74 -11.62 18.09 -19.72
C ALA B 74 -10.61 17.21 -18.97
N VAL B 75 -9.31 17.29 -19.28
CA VAL B 75 -8.32 16.50 -18.47
C VAL B 75 -8.22 17.01 -17.05
N ALA B 76 -8.41 18.31 -16.84
CA ALA B 76 -8.53 18.88 -15.46
C ALA B 76 -9.74 18.33 -14.66
N ALA B 77 -10.92 18.28 -15.30
CA ALA B 77 -12.14 17.78 -14.59
C ALA B 77 -11.93 16.29 -14.28
N ILE B 78 -11.38 15.57 -15.26
CA ILE B 78 -11.14 14.13 -15.11
C ILE B 78 -10.08 13.88 -14.01
N ALA B 79 -9.03 14.70 -13.95
CA ALA B 79 -8.14 14.60 -12.81
C ALA B 79 -8.82 14.87 -11.43
N ASN B 80 -9.70 15.86 -11.36
CA ASN B 80 -10.38 16.07 -10.11
C ASN B 80 -11.26 14.89 -9.72
N ILE B 81 -11.90 14.27 -10.73
CA ILE B 81 -12.72 13.09 -10.49
C ILE B 81 -11.84 11.92 -9.97
N ALA B 82 -10.62 11.81 -10.49
CA ALA B 82 -9.78 10.69 -10.14
C ALA B 82 -9.19 10.82 -8.75
N ALA B 83 -9.36 12.01 -8.11
CA ALA B 83 -8.96 12.22 -6.71
C ALA B 83 -10.05 11.69 -5.77
N GLY B 84 -11.04 10.96 -6.32
CA GLY B 84 -12.20 10.48 -5.58
C GLY B 84 -11.97 9.11 -4.93
N ASN B 85 -13.03 8.45 -4.45
CA ASN B 85 -12.88 7.12 -3.81
C ASN B 85 -12.69 6.03 -4.85
N ASN B 86 -12.46 4.82 -4.41
CA ASN B 86 -12.18 3.75 -5.36
C ASN B 86 -13.37 3.44 -6.33
N GLU B 87 -14.59 3.67 -5.88
CA GLU B 87 -15.75 3.29 -6.69
C GLU B 87 -15.87 4.30 -7.84
N GLN B 88 -15.52 5.54 -7.55
CA GLN B 88 -15.53 6.61 -8.57
C GLN B 88 -14.41 6.42 -9.59
N ILE B 89 -13.23 6.00 -9.11
CA ILE B 89 -12.18 5.59 -10.04
C ILE B 89 -12.72 4.46 -10.90
N GLN B 90 -13.49 3.55 -10.31
CA GLN B 90 -14.09 2.52 -11.15
C GLN B 90 -15.04 3.05 -12.22
N LYS B 91 -15.84 4.05 -11.88
CA LYS B 91 -16.74 4.63 -12.87
C LYS B 91 -15.98 5.31 -14.01
N LEU B 92 -14.87 5.98 -13.69
CA LEU B 92 -13.99 6.51 -14.70
C LEU B 92 -13.45 5.49 -15.67
N ILE B 93 -12.96 4.37 -15.14
CA ILE B 93 -12.44 3.31 -15.98
C ILE B 93 -13.51 2.78 -16.92
N GLU B 94 -14.71 2.50 -16.37
CA GLU B 94 -15.87 2.00 -17.15
C GLU B 94 -16.37 3.02 -18.14
N ALA B 95 -16.20 4.32 -17.86
CA ALA B 95 -16.54 5.35 -18.88
C ALA B 95 -15.54 5.34 -20.05
N GLY B 96 -14.45 4.58 -19.89
CA GLY B 96 -13.41 4.53 -20.93
C GLY B 96 -12.26 5.56 -20.85
N ALA B 97 -11.98 6.09 -19.69
CA ALA B 97 -10.96 7.14 -19.52
C ALA B 97 -9.51 6.73 -19.75
N LEU B 98 -9.17 5.43 -19.65
CA LEU B 98 -7.75 5.10 -19.58
C LEU B 98 -6.98 5.24 -20.91
N SER B 99 -7.54 4.80 -22.02
CA SER B 99 -6.75 4.96 -23.27
C SER B 99 -6.59 6.44 -23.65
N PRO B 100 -7.68 7.22 -23.58
CA PRO B 100 -7.57 8.67 -23.82
C PRO B 100 -6.57 9.34 -22.82
N LEU B 101 -6.52 8.88 -21.56
CA LEU B 101 -5.59 9.43 -20.56
C LEU B 101 -4.13 9.17 -20.94
N VAL B 102 -3.86 7.96 -21.46
CA VAL B 102 -2.51 7.47 -21.81
C VAL B 102 -2.02 8.21 -23.06
N LYS B 103 -2.87 8.32 -24.09
CA LYS B 103 -2.65 9.22 -25.20
C LYS B 103 -2.19 10.64 -24.81
N LEU B 104 -2.69 11.22 -23.72
CA LEU B 104 -2.40 12.57 -23.31
C LEU B 104 -1.05 12.72 -22.60
N LEU B 105 -0.39 11.60 -22.30
CA LEU B 105 1.01 11.63 -21.90
C LEU B 105 1.67 11.97 -23.25
N ASP B 106 2.78 12.67 -23.23
CA ASP B 106 3.32 13.38 -24.43
C ASP B 106 2.30 14.02 -25.44
N ASP B 107 1.25 14.63 -24.89
CA ASP B 107 0.53 15.69 -25.57
C ASP B 107 1.46 16.88 -25.66
N ALA B 108 1.22 17.73 -26.67
CA ALA B 108 2.00 18.96 -26.81
C ALA B 108 2.12 19.72 -25.49
N SER B 109 1.08 19.65 -24.66
CA SER B 109 0.88 20.61 -23.58
C SER B 109 1.30 20.12 -22.15
N GLU B 110 2.18 20.90 -21.49
CA GLU B 110 2.70 20.70 -20.15
C GLU B 110 1.58 20.54 -19.13
N GLU B 111 0.59 21.39 -19.26
CA GLU B 111 -0.56 21.41 -18.39
C GLU B 111 -1.40 20.13 -18.59
N VAL B 112 -1.46 19.64 -19.82
CA VAL B 112 -2.29 18.47 -20.08
C VAL B 112 -1.60 17.19 -19.54
N ILE B 113 -0.29 17.04 -19.86
CA ILE B 113 0.52 15.98 -19.30
C ILE B 113 0.44 15.96 -17.78
N LYS B 114 0.56 17.13 -17.16
CA LYS B 114 0.58 17.23 -15.72
C LYS B 114 -0.72 16.61 -15.15
N ASN B 115 -1.87 17.01 -15.70
CA ASN B 115 -3.16 16.45 -15.31
C ASN B 115 -3.38 14.97 -15.68
N ALA B 116 -2.88 14.54 -16.85
CA ALA B 116 -3.04 13.18 -17.30
C ALA B 116 -2.23 12.25 -16.41
N VAL B 117 -0.98 12.62 -16.06
CA VAL B 117 -0.20 11.76 -15.18
C VAL B 117 -0.75 11.78 -13.76
N ALA B 118 -1.24 12.92 -13.27
CA ALA B 118 -1.80 12.93 -11.91
C ALA B 118 -2.97 11.99 -11.83
N ALA B 119 -3.87 12.07 -12.84
CA ALA B 119 -5.00 11.18 -12.91
C ALA B 119 -4.56 9.71 -12.95
N ILE B 120 -3.48 9.42 -13.68
CA ILE B 120 -3.00 8.04 -13.77
C ILE B 120 -2.42 7.55 -12.40
N ALA B 121 -1.71 8.43 -11.70
CA ALA B 121 -1.16 8.09 -10.43
C ALA B 121 -2.30 7.82 -9.42
N ASN B 122 -3.35 8.62 -9.47
CA ASN B 122 -4.51 8.35 -8.59
C ASN B 122 -5.16 7.02 -8.91
N ILE B 123 -5.40 6.77 -10.20
CA ILE B 123 -5.94 5.47 -10.66
C ILE B 123 -5.06 4.30 -10.18
N ALA B 124 -3.74 4.47 -10.33
CA ALA B 124 -2.75 3.49 -10.01
C ALA B 124 -2.73 3.20 -8.50
N ALA B 125 -3.28 4.11 -7.67
CA ALA B 125 -3.36 3.88 -6.23
C ALA B 125 -4.58 2.96 -5.86
N GLY B 126 -5.25 2.39 -6.89
CA GLY B 126 -6.43 1.54 -6.64
C GLY B 126 -6.01 0.08 -6.58
N ASN B 127 -6.85 -0.78 -7.03
CA ASN B 127 -6.56 -2.17 -6.77
C ASN B 127 -5.91 -2.80 -8.00
N ASN B 128 -5.52 -4.06 -7.85
CA ASN B 128 -4.92 -4.88 -8.84
C ASN B 128 -5.67 -4.92 -10.17
N GLU B 129 -6.97 -5.04 -10.10
CA GLU B 129 -7.78 -5.12 -11.27
C GLU B 129 -7.73 -3.80 -12.02
N GLN B 130 -7.70 -2.69 -11.28
CA GLN B 130 -7.66 -1.39 -11.87
C GLN B 130 -6.26 -1.10 -12.39
N ILE B 131 -5.23 -1.61 -11.70
CA ILE B 131 -3.86 -1.48 -12.22
C ILE B 131 -3.66 -2.26 -13.54
N GLN B 132 -4.29 -3.44 -13.58
CA GLN B 132 -4.22 -4.28 -14.73
C GLN B 132 -4.86 -3.52 -15.91
N LYS B 133 -6.00 -2.85 -15.70
CA LYS B 133 -6.63 -2.05 -16.80
C LYS B 133 -5.64 -0.97 -17.34
N LEU B 134 -4.83 -0.38 -16.45
CA LEU B 134 -3.87 0.65 -16.83
C LEU B 134 -2.77 0.10 -17.68
N ILE B 135 -2.21 -0.99 -17.22
CA ILE B 135 -1.22 -1.72 -17.96
C ILE B 135 -1.74 -2.13 -19.35
N GLU B 136 -2.91 -2.75 -19.41
CA GLU B 136 -3.51 -3.14 -20.71
C GLU B 136 -3.81 -1.94 -21.64
N ALA B 137 -4.10 -0.80 -21.04
CA ALA B 137 -4.16 0.46 -21.82
C ALA B 137 -2.80 0.98 -22.35
N GLY B 138 -1.67 0.35 -21.97
CA GLY B 138 -0.36 0.71 -22.49
C GLY B 138 0.26 1.90 -21.75
N ALA B 139 -0.15 2.12 -20.50
CA ALA B 139 0.41 3.20 -19.67
C ALA B 139 1.90 3.07 -19.36
N LEU B 140 2.38 1.82 -19.24
CA LEU B 140 3.74 1.59 -18.67
C LEU B 140 4.87 2.28 -19.44
N SER B 141 4.96 2.10 -20.74
CA SER B 141 6.04 2.80 -21.48
C SER B 141 5.99 4.32 -21.51
N PRO B 142 4.82 4.95 -21.72
CA PRO B 142 4.81 6.42 -21.62
C PRO B 142 5.23 6.87 -20.22
N LEU B 143 4.78 6.16 -19.20
CA LEU B 143 5.08 6.60 -17.84
C LEU B 143 6.60 6.59 -17.69
N VAL B 144 7.20 5.49 -18.16
CA VAL B 144 8.64 5.26 -18.04
C VAL B 144 9.41 6.32 -18.81
N LYS B 145 8.95 6.64 -20.02
CA LYS B 145 9.45 7.73 -20.81
C LYS B 145 9.55 9.00 -19.94
N LEU B 146 8.46 9.36 -19.29
CA LEU B 146 8.40 10.60 -18.51
C LEU B 146 9.40 10.71 -17.36
N LEU B 147 9.88 9.57 -16.83
CA LEU B 147 10.83 9.57 -15.72
C LEU B 147 12.13 10.34 -16.03
N ASP B 148 12.23 10.86 -17.25
CA ASP B 148 13.54 11.05 -17.89
C ASP B 148 13.73 12.39 -18.56
N ASP B 149 12.64 13.07 -18.89
CA ASP B 149 12.76 14.23 -19.76
C ASP B 149 11.68 15.27 -19.51
N ALA B 150 10.87 15.04 -18.49
CA ALA B 150 9.78 15.97 -18.20
C ALA B 150 10.12 16.87 -17.03
N SER B 151 9.25 17.82 -16.75
CA SER B 151 9.31 18.72 -15.60
C SER B 151 9.19 18.00 -14.26
N GLU B 152 9.49 18.72 -13.17
CA GLU B 152 9.53 18.18 -11.81
C GLU B 152 8.22 17.54 -11.33
N GLU B 153 7.13 18.26 -11.55
CA GLU B 153 5.81 17.80 -11.12
C GLU B 153 5.35 16.64 -11.99
N VAL B 154 5.72 16.63 -13.25
CA VAL B 154 5.44 15.47 -14.11
C VAL B 154 6.14 14.25 -13.58
N ILE B 155 7.43 14.41 -13.26
CA ILE B 155 8.30 13.31 -12.85
C ILE B 155 7.76 12.79 -11.52
N LYS B 156 7.49 13.69 -10.60
CA LYS B 156 6.88 13.32 -9.35
C LYS B 156 5.62 12.44 -9.52
N ASN B 157 4.70 12.84 -10.38
CA ASN B 157 3.48 11.99 -10.55
C ASN B 157 3.75 10.70 -11.29
N ALA B 158 4.72 10.72 -12.21
CA ALA B 158 5.14 9.52 -12.95
C ALA B 158 5.76 8.52 -11.97
N VAL B 159 6.63 9.00 -11.05
CA VAL B 159 7.29 8.08 -10.11
C VAL B 159 6.23 7.58 -9.12
N ALA B 160 5.29 8.43 -8.73
CA ALA B 160 4.17 8.02 -7.85
C ALA B 160 3.29 6.92 -8.47
N ALA B 161 2.92 7.08 -9.75
CA ALA B 161 2.11 6.05 -10.42
C ALA B 161 2.93 4.74 -10.41
N ILE B 162 4.24 4.84 -10.73
CA ILE B 162 5.08 3.63 -10.81
C ILE B 162 5.24 2.90 -9.48
N ALA B 163 5.42 3.69 -8.43
CA ALA B 163 5.53 3.13 -7.11
C ALA B 163 4.23 2.49 -6.62
N ASN B 164 3.10 3.09 -6.97
CA ASN B 164 1.78 2.54 -6.69
C ASN B 164 1.58 1.18 -7.42
N ILE B 165 2.04 1.10 -8.66
CA ILE B 165 2.05 -0.19 -9.38
C ILE B 165 2.99 -1.24 -8.74
N ALA B 166 4.13 -0.77 -8.24
CA ALA B 166 5.13 -1.65 -7.74
C ALA B 166 4.72 -2.23 -6.37
N ALA B 167 3.75 -1.62 -5.70
CA ALA B 167 3.24 -2.15 -4.41
C ALA B 167 2.34 -3.38 -4.59
N GLY B 168 1.95 -3.68 -5.83
CA GLY B 168 1.16 -4.91 -6.12
C GLY B 168 1.93 -6.23 -6.10
N ASN B 169 1.37 -7.22 -6.74
CA ASN B 169 2.09 -8.48 -6.85
C ASN B 169 3.30 -8.44 -7.82
N ASN B 170 4.05 -9.52 -7.81
CA ASN B 170 5.20 -9.72 -8.70
C ASN B 170 4.92 -9.60 -10.24
N GLU B 171 3.78 -10.06 -10.65
CA GLU B 171 3.40 -10.08 -12.05
C GLU B 171 3.30 -8.64 -12.58
N GLN B 172 2.79 -7.75 -11.73
CA GLN B 172 2.74 -6.32 -12.05
C GLN B 172 4.12 -5.68 -11.95
N ILE B 173 4.95 -6.10 -10.99
CA ILE B 173 6.31 -5.59 -10.97
C ILE B 173 7.09 -6.01 -12.23
N GLN B 174 6.89 -7.27 -12.65
CA GLN B 174 7.55 -7.76 -13.84
C GLN B 174 7.27 -6.87 -15.05
N LYS B 175 6.03 -6.42 -15.20
CA LYS B 175 5.67 -5.50 -16.31
C LYS B 175 6.46 -4.16 -16.25
N LEU B 176 6.74 -3.69 -15.05
CA LEU B 176 7.59 -2.51 -14.86
C LEU B 176 9.01 -2.72 -15.32
N ILE B 177 9.59 -3.85 -14.91
CA ILE B 177 10.96 -4.25 -15.29
C ILE B 177 11.06 -4.35 -16.80
N GLU B 178 10.06 -4.96 -17.42
CA GLU B 178 10.01 -5.02 -18.85
C GLU B 178 9.76 -3.68 -19.56
N ALA B 179 8.95 -2.77 -18.99
CA ALA B 179 8.82 -1.44 -19.60
C ALA B 179 10.11 -0.66 -19.42
N GLY B 180 11.14 -1.29 -18.81
CA GLY B 180 12.43 -0.64 -18.62
C GLY B 180 12.51 0.38 -17.49
N ALA B 181 11.76 0.15 -16.42
CA ALA B 181 11.54 1.17 -15.33
C ALA B 181 12.72 1.31 -14.39
N LEU B 182 13.44 0.20 -14.23
CA LEU B 182 14.41 0.00 -13.21
C LEU B 182 15.58 1.00 -13.23
N SER B 183 16.14 1.26 -14.40
CA SER B 183 17.29 2.15 -14.49
C SER B 183 16.94 3.64 -14.29
N PRO B 184 15.89 4.16 -14.96
CA PRO B 184 15.41 5.51 -14.62
C PRO B 184 14.99 5.68 -13.14
N LEU B 185 14.29 4.71 -12.56
CA LEU B 185 14.06 4.77 -11.10
C LEU B 185 15.34 4.98 -10.27
N VAL B 186 16.40 4.27 -10.64
CA VAL B 186 17.67 4.36 -9.95
C VAL B 186 18.27 5.76 -10.12
N LYS B 187 18.15 6.33 -11.31
CA LYS B 187 18.63 7.68 -11.59
C LYS B 187 17.91 8.72 -10.76
N LEU B 188 16.61 8.53 -10.59
CA LEU B 188 15.78 9.40 -9.76
C LEU B 188 16.12 9.41 -8.26
N LEU B 189 16.89 8.43 -7.79
CA LEU B 189 17.41 8.46 -6.42
C LEU B 189 18.36 9.66 -6.24
N ASP B 190 18.86 10.23 -7.35
CA ASP B 190 19.64 11.45 -7.26
C ASP B 190 18.94 12.71 -7.86
N ASP B 191 17.61 12.78 -7.82
CA ASP B 191 16.88 13.88 -8.46
C ASP B 191 17.03 15.18 -7.67
N ALA B 192 16.96 16.33 -8.39
CA ALA B 192 16.97 17.66 -7.75
C ALA B 192 15.82 17.77 -6.72
N SER B 193 14.72 17.05 -6.94
CA SER B 193 13.56 17.02 -6.02
C SER B 193 13.56 15.88 -4.99
N GLU B 194 13.40 16.23 -3.72
CA GLU B 194 13.17 15.24 -2.64
C GLU B 194 11.84 14.52 -2.72
N GLU B 195 10.86 15.15 -3.35
CA GLU B 195 9.59 14.49 -3.52
C GLU B 195 9.79 13.24 -4.34
N VAL B 196 10.37 13.47 -5.53
CA VAL B 196 10.79 12.47 -6.51
C VAL B 196 11.66 11.38 -5.90
N ILE B 197 12.71 11.79 -5.17
CA ILE B 197 13.55 10.81 -4.50
C ILE B 197 12.71 9.86 -3.64
N LYS B 198 11.81 10.43 -2.86
CA LYS B 198 10.94 9.66 -1.95
C LYS B 198 10.10 8.60 -2.68
N ASN B 199 9.41 8.98 -3.74
CA ASN B 199 8.62 7.98 -4.47
C ASN B 199 9.54 6.90 -5.08
N ALA B 200 10.69 7.34 -5.61
CA ALA B 200 11.70 6.49 -6.24
C ALA B 200 12.17 5.45 -5.28
N VAL B 201 12.61 5.90 -4.11
CA VAL B 201 12.99 4.97 -3.06
C VAL B 201 11.85 4.02 -2.64
N ALA B 202 10.59 4.51 -2.54
CA ALA B 202 9.54 3.51 -2.21
C ALA B 202 9.27 2.53 -3.38
N ALA B 203 9.34 2.99 -4.65
CA ALA B 203 9.23 2.05 -5.79
C ALA B 203 10.35 0.94 -5.76
N ILE B 204 11.61 1.38 -5.63
CA ILE B 204 12.75 0.47 -5.47
C ILE B 204 12.62 -0.54 -4.32
N ALA B 205 12.17 -0.07 -3.15
CA ALA B 205 12.00 -0.95 -1.98
C ALA B 205 10.93 -2.02 -2.17
N ASN B 206 9.90 -1.69 -2.95
CA ASN B 206 8.80 -2.59 -3.23
C ASN B 206 9.16 -3.67 -4.23
N ILE B 207 9.71 -3.27 -5.37
CA ILE B 207 10.38 -4.17 -6.30
C ILE B 207 11.31 -5.18 -5.56
N ALA B 208 12.27 -4.68 -4.76
CA ALA B 208 13.21 -5.53 -3.99
C ALA B 208 12.55 -6.60 -3.12
N ALA B 209 11.34 -6.36 -2.61
CA ALA B 209 10.70 -7.33 -1.68
C ALA B 209 10.19 -8.61 -2.36
N GLY B 210 10.05 -8.51 -3.69
CA GLY B 210 9.36 -9.47 -4.58
C GLY B 210 9.79 -10.92 -4.46
N ASN B 211 11.09 -11.14 -4.73
CA ASN B 211 11.80 -12.43 -4.86
C ASN B 211 13.28 -12.07 -5.05
N ASN B 212 14.10 -13.04 -5.42
CA ASN B 212 15.53 -12.83 -5.70
C ASN B 212 15.90 -12.35 -7.10
N GLU B 213 15.19 -12.81 -8.13
CA GLU B 213 15.55 -12.39 -9.47
C GLU B 213 15.34 -10.88 -9.64
N MET B 214 14.35 -10.33 -8.93
CA MET B 214 14.04 -8.91 -9.06
CA MET B 214 14.06 -8.92 -9.08
C MET B 214 15.08 -8.06 -8.32
N LYS B 215 15.49 -8.52 -7.13
CA LYS B 215 16.52 -7.76 -6.38
C LYS B 215 17.85 -7.82 -7.11
N GLN B 216 18.03 -8.87 -7.93
CA GLN B 216 19.16 -8.98 -8.87
C GLN B 216 19.14 -7.85 -9.88
N LYS B 217 18.03 -7.73 -10.59
CA LYS B 217 17.90 -6.73 -11.64
C LYS B 217 18.09 -5.30 -11.09
N LEU B 218 17.82 -5.11 -9.80
CA LEU B 218 17.92 -3.75 -9.21
C LEU B 218 19.40 -3.47 -9.00
N GLU B 219 20.05 -4.45 -8.35
CA GLU B 219 21.48 -4.53 -8.08
C GLU B 219 22.19 -4.24 -9.42
N GLU B 220 21.78 -5.01 -10.43
CA GLU B 220 22.18 -4.82 -11.83
C GLU B 220 21.96 -3.41 -12.40
N ALA B 221 21.02 -2.64 -11.87
CA ALA B 221 20.77 -1.32 -12.43
C ALA B 221 21.52 -0.18 -11.70
N GLY B 222 22.36 -0.55 -10.73
CA GLY B 222 23.14 0.41 -9.91
C GLY B 222 22.48 0.87 -8.60
N ALA B 223 21.50 0.12 -8.14
CA ALA B 223 20.64 0.56 -7.06
C ALA B 223 21.35 0.59 -5.70
N LEU B 224 22.29 -0.32 -5.54
CA LEU B 224 23.01 -0.45 -4.29
C LEU B 224 23.86 0.78 -3.89
N PRO B 225 24.81 1.20 -4.74
CA PRO B 225 25.52 2.46 -4.49
C PRO B 225 24.59 3.67 -4.41
N ALA B 226 23.47 3.66 -5.13
CA ALA B 226 22.59 4.79 -5.13
C ALA B 226 21.82 4.84 -3.81
N LEU B 227 21.39 3.68 -3.33
CA LEU B 227 20.78 3.60 -1.98
C LEU B 227 21.80 3.84 -0.86
N GLU B 228 23.01 3.33 -1.02
CA GLU B 228 24.14 3.61 -0.10
C GLU B 228 24.22 5.11 0.15
N LYS B 229 24.41 5.88 -0.92
CA LYS B 229 24.53 7.33 -0.80
C LYS B 229 23.39 8.03 0.00
N LEU B 230 22.26 7.35 0.16
CA LEU B 230 21.08 8.03 0.72
C LEU B 230 20.97 8.03 2.24
N GLN B 231 21.70 7.16 2.91
CA GLN B 231 21.61 7.11 4.37
C GLN B 231 22.49 8.18 5.03
N SER B 232 23.17 8.99 4.22
CA SER B 232 23.82 10.20 4.70
C SER B 232 23.12 11.47 4.15
N HIS B 233 21.84 11.32 3.82
CA HIS B 233 21.06 12.39 3.20
C HIS B 233 20.72 13.56 4.14
N ALA B 234 20.82 14.79 3.61
CA ALA B 234 20.43 16.02 4.32
C ALA B 234 18.93 16.11 4.62
N ASN B 235 18.18 15.07 4.24
CA ASN B 235 16.84 14.81 4.75
C ASN B 235 16.95 13.54 5.55
N GLU B 236 16.42 13.58 6.75
CA GLU B 236 16.61 12.53 7.72
C GLU B 236 15.48 11.51 7.63
N GLU B 237 14.35 11.94 7.07
CA GLU B 237 13.26 11.02 6.75
C GLU B 237 13.70 10.08 5.64
N VAL B 238 14.34 10.65 4.62
CA VAL B 238 14.86 9.88 3.47
C VAL B 238 15.92 8.83 3.87
N GLN B 239 16.80 9.24 4.79
CA GLN B 239 17.84 8.38 5.39
C GLN B 239 17.41 6.97 5.78
N LYS B 240 16.20 6.86 6.31
CA LYS B 240 15.64 5.59 6.79
C LYS B 240 14.81 4.90 5.72
N ASN B 241 14.35 5.68 4.76
CA ASN B 241 13.67 5.13 3.59
C ASN B 241 14.62 4.24 2.79
N ALA B 242 15.78 4.81 2.44
CA ALA B 242 16.84 4.07 1.76
C ALA B 242 17.34 2.94 2.65
N GLN B 243 17.59 3.28 3.91
CA GLN B 243 18.02 2.30 4.90
C GLN B 243 17.11 1.08 4.80
N ALA B 244 15.82 1.31 5.06
CA ALA B 244 14.78 0.29 4.95
C ALA B 244 14.87 -0.55 3.65
N ALA B 245 15.05 0.14 2.52
CA ALA B 245 15.15 -0.47 1.18
C ALA B 245 16.36 -1.40 1.02
N LEU B 246 17.56 -0.88 1.32
CA LEU B 246 18.76 -1.70 1.31
C LEU B 246 18.56 -2.96 2.14
N GLU B 247 17.94 -2.79 3.31
CA GLU B 247 17.65 -3.91 4.18
C GLU B 247 16.86 -4.94 3.40
N ALA B 248 15.89 -4.47 2.61
CA ALA B 248 15.03 -5.35 1.84
C ALA B 248 15.85 -6.26 0.95
N PHE B 249 17.16 -6.09 0.94
CA PHE B 249 17.93 -6.63 -0.16
C PHE B 249 18.52 -7.98 0.02
N ASN B 250 19.60 -8.05 0.79
CA ASN B 250 20.48 -9.23 0.86
C ASN B 250 20.71 -9.65 2.31
N SER B 251 21.67 -10.37 2.67
C1 GOL C . 4.90 8.61 10.70
O1 GOL C . 5.23 9.91 10.16
C2 GOL C . 6.11 7.81 11.17
O2 GOL C . 6.68 7.27 9.98
C3 GOL C . 5.81 6.61 12.12
O3 GOL C . 6.17 6.65 13.54
C1 GOL D . -9.89 -0.59 -20.27
O1 GOL D . -9.93 0.51 -19.35
C2 GOL D . -8.69 -1.54 -19.98
O2 GOL D . -7.44 -0.99 -20.44
C3 GOL D . -8.98 -2.95 -20.55
O3 GOL D . -7.85 -3.63 -21.12
C1 GOL E . -2.99 -3.95 -5.81
O1 GOL E . -3.12 -2.52 -5.42
C2 GOL E . -2.14 -4.35 -7.05
O2 GOL E . -1.95 -5.80 -7.12
C3 GOL E . -0.79 -3.58 -7.09
O3 GOL E . -0.06 -3.51 -8.35
#